data_8UO6
#
_entry.id   8UO6
#
_cell.length_a   67.782
_cell.length_b   81.314
_cell.length_c   81.372
_cell.angle_alpha   90.000
_cell.angle_beta   99.140
_cell.angle_gamma   90.000
#
_symmetry.space_group_name_H-M   'P 1 21 1'
#
_entity_poly.entity_id   1
_entity_poly.type   'polyribonucleotide'
_entity_poly.pdbx_seq_one_letter_code
;GCCCGGAUAGCUCAGUCGGUAGAGCAGCGGGCACUAUGGGCGCAGUGUCAAUGGACGCUGACGGUACAGGCCAGACAAUU
AUUGUCUGGUAUAGUGCCCGCGGGUCCAGGGUUCAAGUCCCUGUUCGGGCGCCA
;
_entity_poly.pdbx_strand_id   A,B
#
loop_
_chem_comp.id
_chem_comp.type
_chem_comp.name
_chem_comp.formula
A RNA linking ADENOSINE-5'-MONOPHOSPHATE 'C10 H14 N5 O7 P'
C RNA linking CYTIDINE-5'-MONOPHOSPHATE 'C9 H14 N3 O8 P'
G RNA linking GUANOSINE-5'-MONOPHOSPHATE 'C10 H14 N5 O8 P'
U RNA linking URIDINE-5'-MONOPHOSPHATE 'C9 H13 N2 O9 P'
#